data_1CBI
#
_entry.id   1CBI
#
_cell.length_a   127.450
_cell.length_b   127.450
_cell.length_c   53.600
_cell.angle_alpha   90.00
_cell.angle_beta   90.00
_cell.angle_gamma   120.00
#
_symmetry.space_group_name_H-M   'P 31 2 1'
#
loop_
_entity.id
_entity.type
_entity.pdbx_description
1 polymer 'CELLULAR RETINOIC ACID BINDING PROTEIN I'
2 water water
#
_entity_poly.entity_id   1
_entity_poly.type   'polypeptide(L)'
_entity_poly.pdbx_seq_one_letter_code
;PNFAGTWKMRSSENFDELLKALGVNAMLRKVAVAAASKPHVEIRQDGDQFYIKTSTTVRTTEINFKVGEGFEEETVDGRK
CRSLPTWENENKIHCTQTLLEGDGPKTYWTRELANDELILTFGADDVVCTRIYVRE
;
_entity_poly.pdbx_strand_id   A,B
#
# COMPACT_ATOMS: atom_id res chain seq x y z
N PRO A 1 -35.53 1.85 -4.31
CA PRO A 1 -34.61 2.97 -3.98
C PRO A 1 -33.56 3.10 -5.09
N ASN A 2 -32.67 4.07 -4.95
CA ASN A 2 -31.61 4.32 -5.92
C ASN A 2 -30.30 4.02 -5.20
N PHE A 3 -29.18 4.48 -5.76
CA PHE A 3 -27.85 4.26 -5.19
C PHE A 3 -27.50 5.19 -4.03
N ALA A 4 -28.28 6.24 -3.84
CA ALA A 4 -28.00 7.22 -2.79
C ALA A 4 -28.03 6.63 -1.38
N GLY A 5 -27.09 7.07 -0.54
CA GLY A 5 -27.04 6.62 0.84
C GLY A 5 -25.66 6.25 1.35
N THR A 6 -25.59 5.80 2.61
CA THR A 6 -24.34 5.38 3.23
C THR A 6 -24.23 3.87 3.13
N TRP A 7 -23.10 3.37 2.64
CA TRP A 7 -22.88 1.95 2.46
C TRP A 7 -21.68 1.42 3.22
N LYS A 8 -21.86 0.25 3.83
CA LYS A 8 -20.84 -0.43 4.62
C LYS A 8 -20.58 -1.74 3.90
N MET A 9 -19.34 -2.18 3.86
CA MET A 9 -19.04 -3.43 3.16
C MET A 9 -19.38 -4.66 3.96
N ARG A 10 -20.04 -5.61 3.30
CA ARG A 10 -20.42 -6.87 3.93
C ARG A 10 -19.38 -7.94 3.63
N SER A 11 -19.03 -8.10 2.35
CA SER A 11 -18.04 -9.09 1.96
C SER A 11 -17.30 -8.71 0.69
N SER A 12 -16.04 -9.14 0.61
CA SER A 12 -15.17 -8.88 -0.54
C SER A 12 -14.72 -10.25 -1.02
N GLU A 13 -14.43 -10.37 -2.31
CA GLU A 13 -13.99 -11.63 -2.85
C GLU A 13 -13.05 -11.45 -4.03
N ASN A 14 -11.99 -12.25 -4.03
CA ASN A 14 -11.01 -12.24 -5.11
C ASN A 14 -10.28 -10.90 -5.24
N PHE A 15 -10.33 -10.07 -4.21
CA PHE A 15 -9.68 -8.77 -4.28
C PHE A 15 -8.17 -8.88 -4.43
N ASP A 16 -7.55 -9.75 -3.62
CA ASP A 16 -6.10 -9.95 -3.66
C ASP A 16 -5.71 -10.42 -5.06
N GLU A 17 -6.49 -11.33 -5.61
CA GLU A 17 -6.25 -11.87 -6.93
C GLU A 17 -6.28 -10.74 -7.98
N LEU A 18 -7.30 -9.88 -7.91
CA LEU A 18 -7.42 -8.77 -8.86
C LEU A 18 -6.14 -7.95 -8.81
N LEU A 19 -5.74 -7.55 -7.60
CA LEU A 19 -4.51 -6.78 -7.42
C LEU A 19 -3.30 -7.46 -8.06
N LYS A 20 -3.26 -8.78 -8.04
CA LYS A 20 -2.15 -9.49 -8.66
C LYS A 20 -2.26 -9.33 -10.17
N ALA A 21 -3.50 -9.38 -10.68
CA ALA A 21 -3.74 -9.22 -12.09
C ALA A 21 -3.15 -7.89 -12.50
N LEU A 22 -3.41 -6.87 -11.68
CA LEU A 22 -2.90 -5.51 -11.92
C LEU A 22 -1.42 -5.33 -11.54
N GLY A 23 -0.73 -6.43 -11.25
CA GLY A 23 0.69 -6.36 -10.91
C GLY A 23 1.12 -5.82 -9.56
N VAL A 24 0.21 -5.63 -8.60
CA VAL A 24 0.66 -5.13 -7.30
C VAL A 24 1.40 -6.27 -6.63
N ASN A 25 2.62 -6.01 -6.15
CA ASN A 25 3.41 -7.05 -5.51
C ASN A 25 2.87 -7.46 -4.14
N ALA A 26 3.17 -8.70 -3.76
CA ALA A 26 2.71 -9.30 -2.51
C ALA A 26 2.53 -8.42 -1.29
N MET A 27 3.56 -7.66 -0.95
CA MET A 27 3.50 -6.79 0.22
C MET A 27 2.48 -5.67 0.05
N LEU A 28 2.64 -4.88 -1.02
CA LEU A 28 1.72 -3.77 -1.28
C LEU A 28 0.30 -4.27 -1.41
N ARG A 29 0.17 -5.46 -1.96
CA ARG A 29 -1.14 -6.05 -2.16
C ARG A 29 -1.75 -6.17 -0.78
N LYS A 30 -0.98 -6.76 0.13
CA LYS A 30 -1.40 -6.99 1.51
C LYS A 30 -1.83 -5.73 2.28
N VAL A 31 -1.08 -4.64 2.15
CA VAL A 31 -1.48 -3.41 2.84
C VAL A 31 -2.75 -2.89 2.16
N ALA A 32 -2.82 -3.06 0.85
CA ALA A 32 -3.98 -2.64 0.07
C ALA A 32 -5.27 -3.42 0.37
N VAL A 33 -5.20 -4.75 0.41
CA VAL A 33 -6.38 -5.55 0.69
C VAL A 33 -6.96 -5.21 2.07
N ALA A 34 -6.08 -4.94 3.02
CA ALA A 34 -6.45 -4.61 4.40
C ALA A 34 -7.17 -3.26 4.50
N ALA A 35 -6.51 -2.23 4.01
CA ALA A 35 -7.07 -0.89 4.05
C ALA A 35 -8.39 -0.74 3.30
N ALA A 36 -8.72 -1.68 2.43
CA ALA A 36 -9.96 -1.56 1.66
C ALA A 36 -11.24 -1.86 2.43
N SER A 37 -11.16 -2.57 3.53
CA SER A 37 -12.36 -2.91 4.30
C SER A 37 -12.82 -1.89 5.33
N LYS A 38 -11.96 -0.90 5.62
CA LYS A 38 -12.25 0.13 6.61
C LYS A 38 -13.15 1.30 6.21
N PRO A 39 -13.08 1.76 4.95
CA PRO A 39 -13.94 2.89 4.59
C PRO A 39 -15.45 2.64 4.43
N HIS A 40 -16.20 3.72 4.49
CA HIS A 40 -17.64 3.71 4.34
C HIS A 40 -17.88 4.61 3.14
N VAL A 41 -18.76 4.17 2.25
CA VAL A 41 -19.05 4.91 1.04
C VAL A 41 -20.34 5.69 1.21
N GLU A 42 -20.38 6.90 0.69
CA GLU A 42 -21.59 7.71 0.79
C GLU A 42 -21.90 8.18 -0.63
N ILE A 43 -22.99 7.70 -1.18
CA ILE A 43 -23.35 8.06 -2.53
C ILE A 43 -24.44 9.11 -2.58
N ARG A 44 -24.26 10.06 -3.48
CA ARG A 44 -25.19 11.13 -3.70
C ARG A 44 -25.58 10.87 -5.14
N GLN A 45 -26.85 10.54 -5.37
CA GLN A 45 -27.30 10.29 -6.72
C GLN A 45 -28.37 11.29 -7.12
N ASP A 46 -28.20 11.90 -8.29
CA ASP A 46 -29.13 12.88 -8.79
C ASP A 46 -29.24 12.60 -10.27
N GLY A 47 -30.21 11.78 -10.65
CA GLY A 47 -30.35 11.43 -12.05
C GLY A 47 -29.16 10.60 -12.51
N ASP A 48 -28.43 11.12 -13.49
CA ASP A 48 -27.25 10.44 -14.01
C ASP A 48 -26.03 10.91 -13.26
N GLN A 49 -26.22 11.95 -12.43
CA GLN A 49 -25.14 12.55 -11.67
C GLN A 49 -24.88 11.87 -10.33
N PHE A 50 -23.61 11.58 -10.05
CA PHE A 50 -23.18 10.95 -8.81
C PHE A 50 -22.07 11.70 -8.12
N TYR A 51 -22.06 11.63 -6.80
CA TYR A 51 -20.99 12.20 -6.02
C TYR A 51 -20.79 11.15 -4.94
N ILE A 52 -19.66 10.45 -5.02
CA ILE A 52 -19.34 9.38 -4.08
C ILE A 52 -18.16 9.69 -3.15
N LYS A 53 -18.38 9.53 -1.84
CA LYS A 53 -17.36 9.75 -0.84
C LYS A 53 -16.96 8.43 -0.18
N THR A 54 -15.70 8.03 -0.32
CA THR A 54 -15.21 6.81 0.32
C THR A 54 -14.38 7.33 1.48
N SER A 55 -15.02 7.45 2.64
CA SER A 55 -14.40 8.00 3.84
C SER A 55 -14.09 7.06 4.99
N THR A 56 -13.62 7.68 6.06
CA THR A 56 -13.27 7.04 7.32
C THR A 56 -13.52 8.14 8.37
N THR A 57 -12.59 8.34 9.31
CA THR A 57 -12.74 9.37 10.31
C THR A 57 -11.62 10.41 10.25
N VAL A 58 -10.66 10.21 9.34
CA VAL A 58 -9.52 11.12 9.18
C VAL A 58 -9.11 11.19 7.71
N ARG A 59 -9.78 10.41 6.86
CA ARG A 59 -9.47 10.37 5.43
C ARG A 59 -10.78 10.37 4.65
N THR A 60 -10.72 10.78 3.39
CA THR A 60 -11.90 10.81 2.54
C THR A 60 -11.46 10.99 1.07
N THR A 61 -12.00 10.16 0.19
CA THR A 61 -11.69 10.24 -1.23
C THR A 61 -13.02 10.55 -1.90
N GLU A 62 -13.07 11.65 -2.64
CA GLU A 62 -14.30 12.09 -3.28
C GLU A 62 -14.20 12.19 -4.79
N ILE A 63 -15.30 11.85 -5.45
CA ILE A 63 -15.32 11.90 -6.91
C ILE A 63 -16.73 12.05 -7.44
N ASN A 64 -16.86 12.80 -8.52
CA ASN A 64 -18.14 13.03 -9.17
C ASN A 64 -18.05 12.64 -10.64
N PHE A 65 -19.19 12.23 -11.19
CA PHE A 65 -19.25 11.86 -12.59
C PHE A 65 -20.69 11.88 -12.99
N LYS A 66 -20.92 11.77 -14.29
CA LYS A 66 -22.25 11.79 -14.83
C LYS A 66 -22.34 10.59 -15.74
N VAL A 67 -23.30 9.71 -15.45
CA VAL A 67 -23.49 8.53 -16.25
C VAL A 67 -23.88 8.97 -17.65
N GLY A 68 -23.15 8.48 -18.64
CA GLY A 68 -23.40 8.85 -20.02
C GLY A 68 -22.32 9.74 -20.61
N GLU A 69 -21.42 10.21 -19.76
CA GLU A 69 -20.34 11.08 -20.21
C GLU A 69 -19.04 10.61 -19.60
N GLY A 70 -18.00 10.52 -20.42
CA GLY A 70 -16.72 10.07 -19.92
C GLY A 70 -16.17 11.00 -18.84
N PHE A 71 -15.33 10.46 -17.98
CA PHE A 71 -14.71 11.26 -16.93
C PHE A 71 -13.37 10.63 -16.65
N GLU A 72 -12.61 11.19 -15.73
CA GLU A 72 -11.31 10.63 -15.41
C GLU A 72 -11.23 10.25 -13.93
N GLU A 73 -10.52 9.18 -13.63
CA GLU A 73 -10.35 8.73 -12.25
C GLU A 73 -9.11 7.87 -12.21
N GLU A 74 -9.08 6.87 -11.34
CA GLU A 74 -7.92 5.99 -11.21
C GLU A 74 -8.34 4.54 -11.03
N THR A 75 -7.67 3.61 -11.71
CA THR A 75 -7.99 2.19 -11.56
C THR A 75 -7.72 1.81 -10.11
N VAL A 76 -8.31 0.71 -9.65
CA VAL A 76 -8.13 0.27 -8.26
C VAL A 76 -6.70 0.26 -7.74
N ASP A 77 -5.75 -0.08 -8.60
CA ASP A 77 -4.36 -0.14 -8.17
C ASP A 77 -3.62 1.19 -8.21
N GLY A 78 -4.35 2.28 -8.53
CA GLY A 78 -3.76 3.60 -8.56
C GLY A 78 -3.27 4.18 -9.89
N ARG A 79 -3.70 3.62 -11.01
CA ARG A 79 -3.28 4.10 -12.33
C ARG A 79 -4.30 5.08 -12.88
N LYS A 80 -3.84 6.01 -13.69
CA LYS A 80 -4.73 7.02 -14.26
C LYS A 80 -5.48 6.47 -15.45
N CYS A 81 -6.78 6.77 -15.50
CA CYS A 81 -7.60 6.27 -16.59
C CYS A 81 -8.81 7.13 -16.88
N ARG A 82 -9.29 7.02 -18.11
CA ARG A 82 -10.49 7.69 -18.56
C ARG A 82 -11.57 6.59 -18.41
N SER A 83 -12.74 6.93 -17.90
CA SER A 83 -13.80 5.96 -17.66
C SER A 83 -15.08 6.33 -18.40
N LEU A 84 -15.84 5.32 -18.82
CA LEU A 84 -17.07 5.57 -19.55
C LEU A 84 -18.29 4.86 -18.95
N PRO A 85 -19.08 5.58 -18.11
CA PRO A 85 -20.27 5.01 -17.46
C PRO A 85 -21.52 5.05 -18.34
N THR A 86 -22.27 3.94 -18.33
CA THR A 86 -23.52 3.81 -19.08
C THR A 86 -24.40 2.91 -18.26
N TRP A 87 -25.71 3.12 -18.36
CA TRP A 87 -26.67 2.30 -17.62
C TRP A 87 -26.90 1.02 -18.37
N GLU A 88 -26.45 -0.09 -17.81
CA GLU A 88 -26.68 -1.37 -18.47
C GLU A 88 -28.18 -1.63 -18.39
N ASN A 89 -28.73 -1.45 -17.21
CA ASN A 89 -30.16 -1.61 -17.00
C ASN A 89 -30.49 -0.72 -15.81
N GLU A 90 -31.76 -0.49 -15.56
CA GLU A 90 -32.21 0.38 -14.48
C GLU A 90 -31.40 0.35 -13.17
N ASN A 91 -31.03 -0.84 -12.71
CA ASN A 91 -30.29 -0.97 -11.45
C ASN A 91 -28.81 -1.23 -11.61
N LYS A 92 -28.22 -0.87 -12.73
CA LYS A 92 -26.81 -1.18 -12.90
C LYS A 92 -26.02 -0.30 -13.85
N ILE A 93 -24.97 0.31 -13.32
CA ILE A 93 -24.09 1.18 -14.09
C ILE A 93 -22.88 0.34 -14.44
N HIS A 94 -22.44 0.44 -15.68
CA HIS A 94 -21.29 -0.30 -16.14
C HIS A 94 -20.29 0.75 -16.58
N CYS A 95 -19.03 0.55 -16.23
CA CYS A 95 -18.01 1.51 -16.56
C CYS A 95 -16.72 0.89 -17.11
N THR A 96 -16.42 1.21 -18.35
CA THR A 96 -15.24 0.74 -19.05
C THR A 96 -14.10 1.69 -18.71
N GLN A 97 -12.88 1.17 -18.63
CA GLN A 97 -11.73 2.02 -18.31
C GLN A 97 -10.65 1.86 -19.34
N THR A 98 -9.97 2.97 -19.63
CA THR A 98 -8.88 2.98 -20.59
C THR A 98 -7.76 3.78 -19.97
N LEU A 99 -6.61 3.15 -19.82
CA LEU A 99 -5.45 3.77 -19.22
C LEU A 99 -4.91 4.93 -20.05
N LEU A 100 -4.32 5.90 -19.37
CA LEU A 100 -3.72 7.06 -20.02
C LEU A 100 -2.22 6.81 -20.09
N GLU A 101 -1.67 6.44 -18.94
CA GLU A 101 -0.26 6.19 -18.82
C GLU A 101 0.05 4.71 -19.02
N GLY A 102 0.66 4.40 -20.16
CA GLY A 102 1.03 3.04 -20.46
C GLY A 102 -0.06 2.15 -21.03
N ASP A 103 0.23 0.86 -20.99
CA ASP A 103 -0.69 -0.16 -21.49
C ASP A 103 -0.68 -1.30 -20.49
N GLY A 104 -1.85 -1.88 -20.26
CA GLY A 104 -1.97 -2.97 -19.31
C GLY A 104 -3.31 -3.66 -19.39
N PRO A 105 -3.69 -4.40 -18.34
CA PRO A 105 -4.94 -5.15 -18.19
C PRO A 105 -6.18 -4.30 -18.42
N LYS A 106 -7.17 -4.88 -19.11
CA LYS A 106 -8.41 -4.16 -19.36
C LYS A 106 -9.15 -4.08 -18.05
N THR A 107 -9.36 -2.86 -17.58
CA THR A 107 -10.04 -2.63 -16.33
C THR A 107 -11.47 -2.18 -16.57
N TYR A 108 -12.35 -2.50 -15.64
CA TYR A 108 -13.75 -2.14 -15.71
C TYR A 108 -14.36 -2.33 -14.33
N TRP A 109 -15.46 -1.64 -14.08
CA TRP A 109 -16.18 -1.76 -12.83
C TRP A 109 -17.64 -1.58 -13.16
N THR A 110 -18.50 -2.08 -12.27
CA THR A 110 -19.94 -1.94 -12.43
C THR A 110 -20.50 -1.75 -11.04
N ARG A 111 -21.62 -1.06 -10.94
CA ARG A 111 -22.27 -0.86 -9.66
C ARG A 111 -23.69 -1.27 -9.97
N GLU A 112 -24.26 -2.04 -9.06
CA GLU A 112 -25.60 -2.54 -9.22
C GLU A 112 -26.28 -2.58 -7.89
N LEU A 113 -27.52 -2.13 -7.88
CA LEU A 113 -28.31 -2.13 -6.68
C LEU A 113 -29.25 -3.29 -6.88
N ALA A 114 -29.04 -4.36 -6.11
CA ALA A 114 -29.88 -5.55 -6.21
C ALA A 114 -30.18 -6.02 -4.81
N ASN A 115 -31.46 -6.25 -4.51
CA ASN A 115 -31.91 -6.72 -3.20
C ASN A 115 -31.51 -5.74 -2.09
N ASP A 116 -31.51 -4.45 -2.45
CA ASP A 116 -31.14 -3.37 -1.54
C ASP A 116 -29.66 -3.41 -1.07
N GLU A 117 -28.82 -4.02 -1.88
CA GLU A 117 -27.40 -4.11 -1.60
C GLU A 117 -26.71 -3.53 -2.79
N LEU A 118 -25.50 -3.01 -2.58
CA LEU A 118 -24.72 -2.43 -3.65
C LEU A 118 -23.63 -3.44 -3.94
N ILE A 119 -23.64 -3.97 -5.16
CA ILE A 119 -22.63 -4.95 -5.53
C ILE A 119 -21.67 -4.26 -6.46
N LEU A 120 -20.44 -4.11 -6.01
CA LEU A 120 -19.40 -3.47 -6.80
C LEU A 120 -18.60 -4.62 -7.37
N THR A 121 -18.26 -4.52 -8.66
CA THR A 121 -17.51 -5.55 -9.34
C THR A 121 -16.32 -4.95 -10.05
N PHE A 122 -15.18 -5.56 -9.89
CA PHE A 122 -13.97 -5.10 -10.55
C PHE A 122 -13.50 -6.16 -11.54
N GLY A 123 -12.99 -5.70 -12.67
CA GLY A 123 -12.50 -6.61 -13.67
C GLY A 123 -11.11 -6.19 -14.07
N ALA A 124 -10.24 -7.18 -14.19
CA ALA A 124 -8.85 -6.97 -14.60
C ALA A 124 -8.56 -8.17 -15.48
N ASP A 125 -9.12 -8.13 -16.68
CA ASP A 125 -9.02 -9.20 -17.66
C ASP A 125 -9.93 -10.37 -17.26
N ASP A 126 -9.36 -11.56 -17.13
CA ASP A 126 -10.10 -12.77 -16.78
C ASP A 126 -10.39 -12.87 -15.28
N VAL A 127 -9.80 -11.97 -14.49
CA VAL A 127 -10.02 -11.97 -13.05
C VAL A 127 -11.12 -10.98 -12.72
N VAL A 128 -11.96 -11.37 -11.77
CA VAL A 128 -13.10 -10.55 -11.36
C VAL A 128 -13.13 -10.51 -9.84
N CYS A 129 -13.25 -9.31 -9.30
CA CYS A 129 -13.31 -9.11 -7.87
C CYS A 129 -14.69 -8.56 -7.59
N THR A 130 -15.32 -9.03 -6.53
CA THR A 130 -16.66 -8.60 -6.19
C THR A 130 -16.76 -8.25 -4.72
N ARG A 131 -17.57 -7.24 -4.42
CA ARG A 131 -17.79 -6.82 -3.05
C ARG A 131 -19.22 -6.34 -2.91
N ILE A 132 -19.80 -6.65 -1.76
CA ILE A 132 -21.17 -6.31 -1.48
C ILE A 132 -21.27 -5.29 -0.39
N TYR A 133 -22.17 -4.35 -0.55
CA TYR A 133 -22.37 -3.30 0.42
C TYR A 133 -23.78 -3.37 0.95
N VAL A 134 -23.93 -3.02 2.23
CA VAL A 134 -25.22 -3.04 2.89
C VAL A 134 -25.43 -1.65 3.45
N ARG A 135 -26.67 -1.18 3.43
CA ARG A 135 -27.00 0.13 3.95
C ARG A 135 -26.69 0.18 5.43
N GLU A 136 -26.06 1.27 5.82
CA GLU A 136 -25.65 1.54 7.20
C GLU A 136 -26.70 2.45 7.81
N PRO B 1 25.74 0.63 26.53
CA PRO B 1 24.46 0.29 25.86
C PRO B 1 24.75 -0.20 24.44
N ASN B 2 23.71 -0.71 23.77
CA ASN B 2 23.87 -1.24 22.43
C ASN B 2 22.53 -1.19 21.71
N PHE B 3 22.42 -1.92 20.60
CA PHE B 3 21.20 -1.96 19.81
C PHE B 3 20.07 -2.76 20.43
N ALA B 4 20.41 -3.66 21.34
CA ALA B 4 19.43 -4.52 21.98
C ALA B 4 18.39 -3.75 22.80
N GLY B 5 17.13 -4.14 22.64
CA GLY B 5 16.06 -3.50 23.39
C GLY B 5 14.76 -3.45 22.60
N THR B 6 13.75 -2.82 23.20
CA THR B 6 12.44 -2.67 22.59
C THR B 6 12.37 -1.24 22.10
N TRP B 7 11.99 -1.05 20.84
CA TRP B 7 11.91 0.28 20.27
C TRP B 7 10.55 0.71 19.75
N LYS B 8 10.36 2.03 19.77
CA LYS B 8 9.14 2.70 19.34
C LYS B 8 9.63 3.78 18.38
N MET B 9 8.77 4.24 17.48
CA MET B 9 9.17 5.27 16.54
C MET B 9 8.65 6.67 16.86
N ARG B 10 9.56 7.64 16.94
CA ARG B 10 9.15 9.03 17.19
C ARG B 10 9.22 9.95 15.97
N SER B 11 9.80 9.50 14.86
CA SER B 11 9.86 10.33 13.66
C SER B 11 10.18 9.55 12.38
N SER B 12 9.58 9.98 11.28
CA SER B 12 9.76 9.41 9.95
C SER B 12 9.71 10.58 8.97
N GLU B 13 10.78 10.75 8.20
CA GLU B 13 10.88 11.82 7.22
C GLU B 13 11.19 11.24 5.85
N ASN B 14 10.68 11.87 4.80
CA ASN B 14 10.92 11.45 3.42
C ASN B 14 10.58 10.00 3.10
N PHE B 15 9.71 9.38 3.90
CA PHE B 15 9.35 7.99 3.64
C PHE B 15 8.60 7.89 2.31
N ASP B 16 7.60 8.74 2.16
CA ASP B 16 6.78 8.78 0.94
C ASP B 16 7.64 9.01 -0.29
N GLU B 17 8.64 9.88 -0.16
CA GLU B 17 9.53 10.18 -1.27
C GLU B 17 10.41 8.97 -1.56
N LEU B 18 10.62 8.15 -0.54
CA LEU B 18 11.42 6.96 -0.73
C LEU B 18 10.63 6.03 -1.63
N LEU B 19 9.41 5.69 -1.22
CA LEU B 19 8.55 4.80 -1.99
C LEU B 19 8.35 5.28 -3.42
N LYS B 20 8.26 6.59 -3.57
CA LYS B 20 8.09 7.19 -4.89
C LYS B 20 9.32 6.86 -5.73
N ALA B 21 10.51 6.90 -5.11
CA ALA B 21 11.75 6.60 -5.80
C ALA B 21 11.70 5.15 -6.24
N LEU B 22 11.04 4.33 -5.43
CA LEU B 22 10.88 2.90 -5.69
C LEU B 22 9.77 2.57 -6.69
N GLY B 23 9.09 3.58 -7.22
CA GLY B 23 8.05 3.32 -8.20
C GLY B 23 6.63 3.09 -7.69
N VAL B 24 6.42 3.19 -6.39
CA VAL B 24 5.08 2.98 -5.87
C VAL B 24 4.21 4.18 -6.28
N ASN B 25 3.06 3.92 -6.89
CA ASN B 25 2.19 5.01 -7.34
C ASN B 25 1.56 5.70 -6.14
N ALA B 26 1.11 6.93 -6.34
CA ALA B 26 0.53 7.74 -5.26
C ALA B 26 -0.40 7.02 -4.30
N MET B 27 -1.40 6.31 -4.85
CA MET B 27 -2.37 5.60 -4.03
C MET B 27 -1.73 4.55 -3.12
N LEU B 28 -0.99 3.60 -3.70
CA LEU B 28 -0.36 2.55 -2.92
C LEU B 28 0.59 3.15 -1.90
N ARG B 29 1.38 4.10 -2.37
CA ARG B 29 2.35 4.80 -1.55
C ARG B 29 1.66 5.33 -0.28
N LYS B 30 0.50 5.96 -0.46
CA LYS B 30 -0.27 6.51 0.66
C LYS B 30 -0.55 5.45 1.70
N VAL B 31 -1.13 4.35 1.25
CA VAL B 31 -1.48 3.23 2.13
C VAL B 31 -0.25 2.56 2.77
N ALA B 32 0.81 2.40 1.98
CA ALA B 32 2.03 1.79 2.48
C ALA B 32 2.58 2.63 3.63
N VAL B 33 2.61 3.95 3.44
CA VAL B 33 3.14 4.83 4.48
C VAL B 33 2.31 4.69 5.76
N ALA B 34 0.99 4.77 5.61
CA ALA B 34 0.09 4.68 6.75
C ALA B 34 0.31 3.39 7.55
N ALA B 35 0.43 2.27 6.85
CA ALA B 35 0.63 0.97 7.48
C ALA B 35 1.90 0.89 8.31
N ALA B 36 2.98 1.50 7.85
CA ALA B 36 4.23 1.43 8.59
C ALA B 36 4.45 2.62 9.52
N SER B 37 3.39 3.30 9.90
CA SER B 37 3.50 4.49 10.76
C SER B 37 3.59 4.24 12.27
N LYS B 38 3.21 3.05 12.72
CA LYS B 38 3.26 2.76 14.16
C LYS B 38 4.03 1.46 14.39
N PRO B 39 5.31 1.40 13.98
CA PRO B 39 6.07 0.17 14.20
C PRO B 39 6.46 -0.10 15.63
N HIS B 40 6.74 -1.38 15.91
CA HIS B 40 7.16 -1.84 17.22
C HIS B 40 8.36 -2.73 16.90
N VAL B 41 9.55 -2.27 17.28
CA VAL B 41 10.78 -2.99 17.04
C VAL B 41 11.24 -3.68 18.29
N GLU B 42 11.79 -4.87 18.10
CA GLU B 42 12.33 -5.69 19.18
C GLU B 42 13.62 -6.19 18.59
N ILE B 43 14.74 -5.81 19.21
CA ILE B 43 16.04 -6.22 18.73
C ILE B 43 16.72 -7.07 19.79
N ARG B 44 17.36 -8.13 19.33
CA ARG B 44 18.09 -9.01 20.21
C ARG B 44 19.47 -8.96 19.57
N GLN B 45 20.47 -8.61 20.36
CA GLN B 45 21.83 -8.55 19.83
C GLN B 45 22.76 -9.49 20.59
N ASP B 46 23.68 -10.11 19.86
CA ASP B 46 24.65 -11.02 20.45
C ASP B 46 25.92 -10.84 19.64
N GLY B 47 26.72 -9.84 20.03
CA GLY B 47 27.94 -9.56 19.33
C GLY B 47 27.56 -9.02 17.96
N ASP B 48 27.82 -9.80 16.92
CA ASP B 48 27.49 -9.40 15.55
C ASP B 48 26.17 -9.97 15.08
N GLN B 49 25.67 -10.95 15.81
CA GLN B 49 24.41 -11.56 15.45
C GLN B 49 23.29 -10.68 15.90
N PHE B 50 22.36 -10.41 14.99
CA PHE B 50 21.22 -9.57 15.30
C PHE B 50 19.94 -10.28 15.00
N TYR B 51 18.91 -9.87 15.71
CA TYR B 51 17.57 -10.37 15.52
C TYR B 51 16.74 -9.11 15.62
N ILE B 52 16.03 -8.80 14.55
CA ILE B 52 15.20 -7.61 14.52
C ILE B 52 13.80 -8.03 14.13
N LYS B 53 12.89 -7.97 15.08
CA LYS B 53 11.50 -8.28 14.82
C LYS B 53 10.81 -6.93 14.70
N THR B 54 10.08 -6.72 13.62
CA THR B 54 9.38 -5.49 13.43
C THR B 54 7.95 -5.88 13.24
N SER B 55 7.12 -5.54 14.22
CA SER B 55 5.71 -5.86 14.14
C SER B 55 4.88 -4.62 13.90
N THR B 56 4.14 -4.65 12.79
CA THR B 56 3.26 -3.57 12.42
C THR B 56 1.96 -4.36 12.19
N THR B 57 0.81 -3.72 12.36
CA THR B 57 -0.47 -4.42 12.20
C THR B 57 -0.56 -5.45 11.08
N VAL B 58 -0.28 -5.03 9.85
CA VAL B 58 -0.40 -5.95 8.73
C VAL B 58 0.80 -6.85 8.45
N ARG B 59 2.00 -6.41 8.80
CA ARG B 59 3.20 -7.18 8.50
C ARG B 59 4.25 -7.26 9.58
N THR B 60 4.66 -8.48 9.90
CA THR B 60 5.71 -8.71 10.90
C THR B 60 6.88 -9.38 10.19
N THR B 61 8.09 -8.92 10.47
CA THR B 61 9.28 -9.49 9.87
C THR B 61 10.22 -9.81 11.02
N GLU B 62 10.91 -10.93 10.92
CA GLU B 62 11.87 -11.33 11.93
C GLU B 62 13.09 -11.62 11.10
N ILE B 63 13.93 -10.60 11.01
CA ILE B 63 15.15 -10.67 10.23
C ILE B 63 16.33 -11.04 11.14
N ASN B 64 17.10 -12.03 10.69
CA ASN B 64 18.28 -12.53 11.40
C ASN B 64 19.47 -12.25 10.48
N PHE B 65 20.58 -11.80 11.05
CA PHE B 65 21.78 -11.51 10.27
C PHE B 65 23.01 -11.36 11.14
N LYS B 66 24.17 -11.53 10.52
CA LYS B 66 25.40 -11.43 11.26
C LYS B 66 26.23 -10.39 10.52
N VAL B 67 26.53 -9.29 11.19
CA VAL B 67 27.33 -8.23 10.55
C VAL B 67 28.65 -8.86 10.14
N GLY B 68 28.92 -8.86 8.84
CA GLY B 68 30.15 -9.45 8.37
C GLY B 68 29.84 -10.45 7.27
N GLU B 69 28.60 -10.93 7.25
CA GLU B 69 28.19 -11.85 6.21
C GLU B 69 26.79 -11.55 5.72
N GLY B 70 26.59 -11.76 4.42
CA GLY B 70 25.32 -11.49 3.79
C GLY B 70 24.15 -12.30 4.28
N PHE B 71 22.98 -11.95 3.78
CA PHE B 71 21.75 -12.64 4.12
C PHE B 71 20.73 -12.17 3.12
N GLU B 72 19.48 -12.57 3.29
CA GLU B 72 18.48 -12.16 2.34
C GLU B 72 17.28 -11.58 3.02
N GLU B 73 16.66 -10.63 2.37
CA GLU B 73 15.49 -9.99 2.90
C GLU B 73 14.81 -9.31 1.73
N GLU B 74 13.95 -8.35 2.02
CA GLU B 74 13.27 -7.61 0.98
C GLU B 74 13.47 -6.13 1.21
N THR B 75 13.54 -5.42 0.10
CA THR B 75 13.70 -3.97 0.12
C THR B 75 12.42 -3.40 0.76
N VAL B 76 12.39 -2.11 1.02
CA VAL B 76 11.20 -1.55 1.63
C VAL B 76 9.97 -1.60 0.74
N ASP B 77 10.15 -1.89 -0.54
CA ASP B 77 9.01 -1.96 -1.45
C ASP B 77 8.68 -3.38 -1.91
N GLY B 78 9.21 -4.37 -1.20
CA GLY B 78 8.93 -5.76 -1.51
C GLY B 78 9.70 -6.51 -2.57
N ARG B 79 10.87 -6.03 -2.96
CA ARG B 79 11.65 -6.75 -3.95
C ARG B 79 12.59 -7.72 -3.22
N LYS B 80 12.83 -8.89 -3.81
CA LYS B 80 13.73 -9.86 -3.20
C LYS B 80 15.12 -9.28 -3.34
N CYS B 81 15.95 -9.41 -2.31
CA CYS B 81 17.29 -8.88 -2.41
C CYS B 81 18.28 -9.53 -1.47
N ARG B 82 19.56 -9.40 -1.80
CA ARG B 82 20.62 -9.92 -0.97
C ARG B 82 21.21 -8.71 -0.23
N SER B 83 21.35 -8.82 1.07
CA SER B 83 21.87 -7.72 1.86
C SER B 83 23.22 -8.06 2.45
N LEU B 84 24.08 -7.04 2.58
CA LEU B 84 25.41 -7.18 3.12
C LEU B 84 25.56 -6.20 4.30
N PRO B 85 25.38 -6.68 5.54
CA PRO B 85 25.51 -5.81 6.72
C PRO B 85 26.99 -5.69 7.16
N THR B 86 27.47 -4.47 7.34
CA THR B 86 28.86 -4.23 7.73
C THR B 86 28.95 -3.02 8.64
N TRP B 87 29.98 -3.00 9.48
CA TRP B 87 30.22 -1.89 10.41
C TRP B 87 30.80 -0.68 9.70
N GLU B 88 30.10 0.44 9.74
CA GLU B 88 30.60 1.67 9.12
C GLU B 88 31.49 2.32 10.17
N ASN B 89 31.15 2.06 11.44
CA ASN B 89 31.88 2.54 12.61
C ASN B 89 31.34 1.70 13.77
N GLU B 90 32.02 1.75 14.91
CA GLU B 90 31.63 0.96 16.09
C GLU B 90 30.15 0.83 16.45
N ASN B 91 29.36 1.87 16.17
CA ASN B 91 27.94 1.85 16.50
C ASN B 91 26.98 2.14 15.35
N LYS B 92 27.38 1.77 14.13
CA LYS B 92 26.54 1.99 12.96
C LYS B 92 26.67 0.80 12.02
N ILE B 93 25.54 0.31 11.53
CA ILE B 93 25.53 -0.82 10.61
C ILE B 93 25.07 -0.29 9.27
N HIS B 94 25.89 -0.48 8.27
CA HIS B 94 25.54 -0.06 6.92
C HIS B 94 25.14 -1.36 6.27
N CYS B 95 24.18 -1.31 5.36
CA CYS B 95 23.74 -2.52 4.71
C CYS B 95 23.38 -2.27 3.27
N THR B 96 24.17 -2.89 2.41
CA THR B 96 24.00 -2.80 0.97
C THR B 96 22.95 -3.82 0.52
N GLN B 97 22.08 -3.43 -0.40
CA GLN B 97 21.05 -4.34 -0.88
C GLN B 97 21.17 -4.53 -2.39
N THR B 98 21.17 -5.79 -2.82
CA THR B 98 21.30 -6.12 -4.23
C THR B 98 20.02 -6.81 -4.66
N LEU B 99 19.45 -6.40 -5.78
CA LEU B 99 18.22 -7.03 -6.24
C LEU B 99 18.61 -8.34 -6.88
N LEU B 100 17.94 -9.41 -6.48
CA LEU B 100 18.23 -10.74 -7.02
C LEU B 100 17.57 -10.88 -8.38
N GLU B 101 16.44 -10.20 -8.51
CA GLU B 101 15.65 -10.24 -9.73
C GLU B 101 14.97 -8.90 -9.86
N GLY B 102 14.67 -8.50 -11.10
CA GLY B 102 13.98 -7.24 -11.32
C GLY B 102 14.89 -6.13 -11.82
N ASP B 103 15.70 -5.60 -10.90
CA ASP B 103 16.66 -4.51 -11.17
C ASP B 103 16.01 -3.12 -11.20
N GLY B 104 16.38 -2.29 -10.22
CA GLY B 104 15.83 -0.94 -10.13
C GLY B 104 16.82 0.05 -9.54
N PRO B 105 16.37 0.94 -8.65
CA PRO B 105 17.25 1.93 -8.01
C PRO B 105 18.13 1.27 -6.97
N LYS B 106 19.33 1.79 -6.75
CA LYS B 106 20.16 1.18 -5.73
C LYS B 106 19.61 1.56 -4.35
N THR B 107 19.39 0.56 -3.52
CA THR B 107 18.82 0.75 -2.19
C THR B 107 19.78 0.23 -1.12
N TYR B 108 19.52 0.60 0.12
CA TYR B 108 20.34 0.16 1.24
C TYR B 108 19.71 0.73 2.49
N TRP B 109 20.28 0.39 3.63
CA TRP B 109 19.80 0.91 4.89
C TRP B 109 20.97 0.97 5.83
N THR B 110 20.81 1.74 6.90
CA THR B 110 21.84 1.89 7.91
C THR B 110 21.09 1.96 9.21
N ARG B 111 21.66 1.41 10.27
CA ARG B 111 21.06 1.41 11.59
C ARG B 111 22.18 1.84 12.54
N GLU B 112 22.02 3.02 13.12
CA GLU B 112 23.01 3.62 14.00
C GLU B 112 22.49 3.97 15.38
N LEU B 113 23.34 3.82 16.38
CA LEU B 113 22.97 4.12 17.75
C LEU B 113 23.64 5.43 18.15
N ALA B 114 22.85 6.48 18.25
CA ALA B 114 23.34 7.80 18.62
C ALA B 114 22.44 8.31 19.73
N ASN B 115 23.02 8.48 20.91
CA ASN B 115 22.30 8.96 22.10
C ASN B 115 21.01 8.20 22.41
N ASP B 116 21.13 6.91 22.65
CA ASP B 116 19.98 6.06 22.93
C ASP B 116 18.83 6.30 21.96
N GLU B 117 19.19 6.37 20.68
CA GLU B 117 18.23 6.54 19.61
C GLU B 117 18.70 5.64 18.48
N LEU B 118 17.75 4.97 17.84
CA LEU B 118 18.06 4.06 16.76
C LEU B 118 17.69 4.79 15.47
N ILE B 119 18.69 5.30 14.78
CA ILE B 119 18.45 5.99 13.53
C ILE B 119 18.42 4.98 12.38
N LEU B 120 17.21 4.70 11.92
CA LEU B 120 17.01 3.78 10.82
C LEU B 120 16.97 4.65 9.57
N THR B 121 17.94 4.49 8.69
CA THR B 121 18.01 5.26 7.46
C THR B 121 17.81 4.33 6.26
N PHE B 122 16.97 4.77 5.34
CA PHE B 122 16.68 4.05 4.10
C PHE B 122 17.12 5.00 3.01
N GLY B 123 17.60 4.45 1.90
CA GLY B 123 18.03 5.29 0.80
C GLY B 123 17.70 4.54 -0.48
N ALA B 124 17.42 5.29 -1.54
CA ALA B 124 17.08 4.71 -2.83
C ALA B 124 17.52 5.78 -3.80
N ASP B 125 18.62 5.53 -4.51
CA ASP B 125 19.16 6.50 -5.45
C ASP B 125 19.55 7.74 -4.62
N ASP B 126 19.01 8.91 -4.94
CA ASP B 126 19.33 10.13 -4.19
C ASP B 126 18.44 10.31 -2.95
N VAL B 127 17.25 9.71 -2.99
CA VAL B 127 16.29 9.82 -1.92
C VAL B 127 16.71 9.07 -0.68
N VAL B 128 16.47 9.68 0.48
CA VAL B 128 16.84 9.11 1.76
C VAL B 128 15.69 9.35 2.74
N CYS B 129 15.32 8.33 3.49
CA CYS B 129 14.25 8.44 4.46
C CYS B 129 14.90 8.19 5.81
N THR B 130 14.48 8.93 6.84
CA THR B 130 15.05 8.80 8.17
C THR B 130 13.99 8.59 9.24
N ARG B 131 14.10 7.51 10.00
CA ARG B 131 13.15 7.21 11.04
C ARG B 131 13.88 7.04 12.35
N ILE B 132 13.40 7.71 13.38
CA ILE B 132 14.05 7.63 14.67
C ILE B 132 13.22 6.88 15.69
N TYR B 133 13.87 5.94 16.34
CA TYR B 133 13.25 5.11 17.34
C TYR B 133 13.79 5.51 18.71
N VAL B 134 13.05 5.15 19.74
CA VAL B 134 13.45 5.45 21.10
C VAL B 134 13.06 4.23 21.93
N ARG B 135 13.78 4.07 23.03
CA ARG B 135 13.52 2.98 23.94
C ARG B 135 12.13 3.09 24.50
N GLU B 136 11.39 2.00 24.38
CA GLU B 136 10.04 1.90 24.87
C GLU B 136 10.13 1.50 26.33
#